data_9F0S
#
_entry.id   9F0S
#
_cell.length_a   101.506
_cell.length_b   79.244
_cell.length_c   67.716
_cell.angle_alpha   90.000
_cell.angle_beta   130.380
_cell.angle_gamma   90.000
#
_symmetry.space_group_name_H-M   'C 1 2 1'
#
loop_
_entity.id
_entity.type
_entity.pdbx_description
1 polymer 'Metallo-beta-lactamase type 2'
2 non-polymer 'FORMIC ACID'
3 non-polymer '[(~{R})-(2-hydroxyphenyl)-(2-thiophen-3-ylethanoylamino)methyl]phosphonic acid'
4 non-polymer 'ZINC ION'
5 water water
#
_entity_poly.entity_id   1
_entity_poly.type   'polypeptide(L)'
_entity_poly.pdbx_seq_one_letter_code
;MHHHHHHENLYFQGVDSSGEYPTVSEIPVGEVRLYQIADGVWSHIATQSFDGAVYPSNGLIVRDGDELLLIDTAWGAKNT
AALLAEIEKQIGLPVTRAVSTHFHDDRVGGVDVLRAAGVATYASPSTRRLAEVEGNEIPTHSLEGLSSSGDAVRFGPVEL
FYPGAAHSTDNLVVYVPSASVLYGGCAIYELSRTSAGNVADADLAEWPTSIERIQQHYPEAQFVIPGHGLPGGLDLLKHT
TNVVKAHTNRSVVE
;
_entity_poly.pdbx_strand_id   A,B
#
loop_
_chem_comp.id
_chem_comp.type
_chem_comp.name
_chem_comp.formula
A1H8U non-polymer '[(~{R})-(2-hydroxyphenyl)-(2-thiophen-3-ylethanoylamino)methyl]phosphonic acid' 'C13 H14 N O5 P S'
FMT non-polymer 'FORMIC ACID' 'C H2 O2'
ZN non-polymer 'ZINC ION' 'Zn 2'
#
# COMPACT_ATOMS: atom_id res chain seq x y z
N GLU A 20 12.40 -26.21 14.76
CA GLU A 20 12.60 -26.61 13.38
C GLU A 20 11.92 -25.64 12.42
N TYR A 21 10.60 -25.52 12.53
CA TYR A 21 9.90 -24.52 11.72
C TYR A 21 10.24 -23.12 12.20
N PRO A 22 10.57 -22.19 11.32
CA PRO A 22 11.00 -20.87 11.77
C PRO A 22 9.85 -20.04 12.32
N THR A 23 10.19 -19.17 13.26
CA THR A 23 9.27 -18.26 13.95
C THR A 23 9.74 -16.82 13.73
N VAL A 24 8.97 -15.87 14.28
CA VAL A 24 9.25 -14.45 14.10
C VAL A 24 10.68 -14.11 14.49
N SER A 25 11.12 -14.60 15.64
CA SER A 25 12.43 -14.21 16.16
C SER A 25 13.60 -14.72 15.32
N GLU A 26 13.38 -15.72 14.46
CA GLU A 26 14.42 -16.17 13.55
C GLU A 26 14.43 -15.40 12.23
N ILE A 27 13.46 -14.53 11.98
CA ILE A 27 13.29 -13.87 10.70
C ILE A 27 13.30 -12.37 10.93
N PRO A 28 14.43 -11.71 10.69
CA PRO A 28 14.41 -10.24 10.65
C PRO A 28 13.47 -9.77 9.56
N VAL A 29 12.68 -8.73 9.87
CA VAL A 29 11.74 -8.20 8.89
C VAL A 29 12.49 -7.84 7.61
N GLY A 30 11.86 -8.14 6.47
CA GLY A 30 12.50 -8.01 5.19
C GLY A 30 13.12 -9.28 4.68
N GLU A 31 13.36 -10.27 5.55
CA GLU A 31 13.93 -11.55 5.15
CA GLU A 31 13.93 -11.55 5.16
C GLU A 31 12.83 -12.57 4.96
N VAL A 32 13.17 -13.64 4.23
CA VAL A 32 12.26 -14.74 3.95
C VAL A 32 13.00 -16.04 4.18
N ARG A 33 12.38 -16.95 4.91
CA ARG A 33 12.89 -18.30 5.12
C ARG A 33 12.07 -19.29 4.31
N LEU A 34 12.72 -20.37 3.88
CA LEU A 34 12.03 -21.47 3.21
C LEU A 34 12.14 -22.69 4.10
N TYR A 35 11.09 -23.51 4.11
CA TYR A 35 11.07 -24.71 4.93
C TYR A 35 10.58 -25.86 4.06
N GLN A 36 11.40 -26.88 3.89
CA GLN A 36 11.01 -28.02 3.06
C GLN A 36 10.08 -28.94 3.83
N ILE A 37 8.85 -29.08 3.33
CA ILE A 37 7.85 -29.92 3.97
C ILE A 37 7.91 -31.35 3.47
N ALA A 38 8.16 -31.52 2.18
CA ALA A 38 8.26 -32.82 1.54
C ALA A 38 9.04 -32.64 0.26
N ASP A 39 9.26 -33.74 -0.45
CA ASP A 39 9.91 -33.68 -1.75
C ASP A 39 9.15 -32.73 -2.66
N GLY A 40 9.82 -31.65 -3.06
CA GLY A 40 9.25 -30.68 -3.98
C GLY A 40 8.22 -29.75 -3.40
N VAL A 41 8.08 -29.68 -2.07
CA VAL A 41 7.08 -28.82 -1.45
C VAL A 41 7.76 -28.06 -0.32
N TRP A 42 7.71 -26.73 -0.38
CA TRP A 42 8.22 -25.88 0.67
C TRP A 42 7.12 -24.93 1.11
N SER A 43 7.24 -24.45 2.34
CA SER A 43 6.58 -23.22 2.70
C SER A 43 7.59 -22.07 2.66
N HIS A 44 7.09 -20.86 2.41
CA HIS A 44 7.87 -19.66 2.59
C HIS A 44 7.31 -18.91 3.78
N ILE A 45 8.21 -18.35 4.60
CA ILE A 45 7.84 -17.68 5.84
C ILE A 45 8.44 -16.29 5.85
N ALA A 46 7.61 -15.28 6.09
CA ALA A 46 8.03 -13.88 6.12
C ALA A 46 7.34 -13.21 7.30
N THR A 47 7.71 -11.96 7.57
CA THR A 47 7.11 -11.25 8.70
C THR A 47 6.71 -9.84 8.30
N GLN A 48 5.69 -9.32 8.98
CA GLN A 48 5.31 -7.93 8.84
C GLN A 48 5.04 -7.35 10.22
N SER A 49 5.43 -6.09 10.40
CA SER A 49 5.09 -5.34 11.61
C SER A 49 3.80 -4.58 11.38
N PHE A 50 2.94 -4.57 12.39
CA PHE A 50 1.60 -4.00 12.22
C PHE A 50 1.02 -3.73 13.59
N ASP A 51 0.65 -2.47 13.85
CA ASP A 51 0.12 -2.06 15.15
C ASP A 51 1.09 -2.41 16.29
N GLY A 52 2.38 -2.22 16.04
CA GLY A 52 3.36 -2.43 17.08
C GLY A 52 3.60 -3.88 17.46
N ALA A 53 3.17 -4.82 16.64
CA ALA A 53 3.44 -6.24 16.85
C ALA A 53 4.01 -6.81 15.55
N VAL A 54 4.62 -7.98 15.65
CA VAL A 54 5.21 -8.64 14.49
C VAL A 54 4.49 -9.96 14.25
N TYR A 55 4.08 -10.18 13.00
CA TYR A 55 3.29 -11.33 12.59
C TYR A 55 4.05 -12.14 11.56
N PRO A 56 4.09 -13.47 11.68
CA PRO A 56 4.61 -14.29 10.59
C PRO A 56 3.51 -14.58 9.58
N SER A 57 3.93 -14.97 8.39
CA SER A 57 2.98 -15.31 7.33
C SER A 57 3.59 -16.40 6.46
N ASN A 58 2.78 -17.38 6.09
CA ASN A 58 3.19 -18.51 5.27
C ASN A 58 2.62 -18.40 3.86
N GLY A 59 3.41 -18.85 2.89
CA GLY A 59 2.90 -19.25 1.58
C GLY A 59 3.46 -20.61 1.21
N LEU A 60 3.27 -21.05 -0.02
CA LEU A 60 3.69 -22.37 -0.45
C LEU A 60 4.48 -22.27 -1.74
N ILE A 61 5.40 -23.23 -1.93
CA ILE A 61 6.12 -23.40 -3.19
C ILE A 61 6.05 -24.87 -3.56
N VAL A 62 5.66 -25.15 -4.80
CA VAL A 62 5.47 -26.52 -5.25
C VAL A 62 6.22 -26.74 -6.56
N ARG A 63 7.13 -27.71 -6.57
CA ARG A 63 7.84 -28.02 -7.79
CA ARG A 63 7.85 -28.05 -7.78
C ARG A 63 6.92 -28.71 -8.80
N ASP A 64 7.06 -28.31 -10.07
CA ASP A 64 6.34 -28.93 -11.20
C ASP A 64 7.36 -29.15 -12.31
N GLY A 65 7.93 -30.35 -12.36
CA GLY A 65 9.01 -30.61 -13.29
C GLY A 65 10.20 -29.76 -12.94
N ASP A 66 10.60 -28.88 -13.85
CA ASP A 66 11.75 -28.02 -13.65
C ASP A 66 11.35 -26.56 -13.41
N GLU A 67 10.10 -26.32 -13.02
CA GLU A 67 9.59 -24.99 -12.72
C GLU A 67 8.95 -25.05 -11.34
N LEU A 68 8.62 -23.88 -10.79
CA LEU A 68 7.96 -23.79 -9.50
C LEU A 68 6.63 -23.06 -9.63
N LEU A 69 5.65 -23.53 -8.88
CA LEU A 69 4.39 -22.82 -8.67
C LEU A 69 4.46 -22.18 -7.30
N LEU A 70 4.20 -20.88 -7.24
CA LEU A 70 4.16 -20.15 -5.98
C LEU A 70 2.72 -19.94 -5.53
N ILE A 71 2.45 -20.19 -4.24
CA ILE A 71 1.15 -19.88 -3.64
C ILE A 71 1.35 -18.72 -2.67
N ASP A 72 0.78 -17.57 -3.03
CA ASP A 72 0.75 -16.35 -2.22
C ASP A 72 2.07 -15.60 -2.22
N THR A 73 1.97 -14.28 -2.15
CA THR A 73 3.15 -13.43 -2.00
C THR A 73 3.69 -13.56 -0.57
N ALA A 74 4.79 -12.86 -0.32
CA ALA A 74 5.36 -12.80 1.02
C ALA A 74 4.94 -11.56 1.78
N TRP A 75 3.76 -11.00 1.45
CA TRP A 75 3.22 -9.84 2.17
C TRP A 75 4.05 -8.58 1.93
N GLY A 76 3.93 -8.02 0.74
CA GLY A 76 4.55 -6.75 0.44
C GLY A 76 5.61 -6.86 -0.64
N ALA A 77 5.89 -5.74 -1.30
CA ALA A 77 6.86 -5.71 -2.40
C ALA A 77 8.25 -6.10 -1.92
N LYS A 78 8.72 -5.53 -0.81
CA LYS A 78 10.08 -5.79 -0.35
C LYS A 78 10.25 -7.27 0.00
N ASN A 79 9.32 -7.81 0.80
CA ASN A 79 9.39 -9.21 1.20
C ASN A 79 9.31 -10.13 -0.02
N THR A 80 8.46 -9.77 -0.99
CA THR A 80 8.28 -10.64 -2.15
C THR A 80 9.52 -10.62 -3.05
N ALA A 81 10.17 -9.45 -3.18
CA ALA A 81 11.47 -9.44 -3.84
C ALA A 81 12.45 -10.35 -3.12
N ALA A 82 12.47 -10.28 -1.79
CA ALA A 82 13.38 -11.15 -1.05
C ALA A 82 12.99 -12.61 -1.22
N LEU A 83 11.67 -12.90 -1.26
CA LEU A 83 11.22 -14.27 -1.52
C LEU A 83 11.81 -14.82 -2.82
N LEU A 84 11.69 -14.05 -3.91
CA LEU A 84 12.24 -14.50 -5.19
C LEU A 84 13.75 -14.71 -5.10
N ALA A 85 14.46 -13.86 -4.38
CA ALA A 85 15.90 -14.02 -4.27
C ALA A 85 16.25 -15.28 -3.48
N GLU A 86 15.49 -15.56 -2.42
CA GLU A 86 15.75 -16.76 -1.63
C GLU A 86 15.42 -18.02 -2.39
N ILE A 87 14.33 -18.01 -3.17
CA ILE A 87 14.02 -19.15 -4.03
C ILE A 87 15.16 -19.41 -5.00
N GLU A 88 15.65 -18.36 -5.66
CA GLU A 88 16.75 -18.56 -6.61
CA GLU A 88 16.77 -18.49 -6.60
C GLU A 88 18.00 -19.06 -5.90
N LYS A 89 18.30 -18.54 -4.70
CA LYS A 89 19.47 -18.98 -3.94
C LYS A 89 19.37 -20.44 -3.53
N GLN A 90 18.24 -20.86 -2.96
CA GLN A 90 18.15 -22.18 -2.36
C GLN A 90 17.61 -23.27 -3.28
N ILE A 91 16.75 -22.92 -4.23
CA ILE A 91 16.12 -23.91 -5.11
C ILE A 91 16.63 -23.80 -6.53
N GLY A 92 16.74 -22.57 -7.05
CA GLY A 92 17.35 -22.35 -8.34
C GLY A 92 16.52 -22.77 -9.52
N LEU A 93 15.20 -22.90 -9.36
CA LEU A 93 14.26 -23.17 -10.44
C LEU A 93 13.34 -21.96 -10.63
N PRO A 94 12.89 -21.69 -11.85
CA PRO A 94 12.10 -20.47 -12.08
C PRO A 94 10.68 -20.60 -11.55
N VAL A 95 10.22 -19.54 -10.90
CA VAL A 95 8.81 -19.42 -10.54
C VAL A 95 8.08 -18.94 -11.78
N THR A 96 7.30 -19.83 -12.39
CA THR A 96 6.61 -19.45 -13.62
C THR A 96 5.17 -19.00 -13.42
N ARG A 97 4.51 -19.46 -12.36
CA ARG A 97 3.12 -19.07 -12.08
C ARG A 97 2.98 -18.86 -10.58
N ALA A 98 2.04 -17.98 -10.22
CA ALA A 98 1.70 -17.76 -8.81
C ALA A 98 0.19 -17.66 -8.67
N VAL A 99 -0.33 -18.19 -7.58
CA VAL A 99 -1.75 -18.09 -7.24
C VAL A 99 -1.88 -17.35 -5.92
N SER A 100 -2.77 -16.37 -5.85
CA SER A 100 -3.13 -15.70 -4.60
C SER A 100 -4.43 -16.28 -4.10
N THR A 101 -4.45 -16.66 -2.81
CA THR A 101 -5.59 -17.40 -2.27
C THR A 101 -6.71 -16.54 -1.71
N HIS A 102 -6.50 -15.25 -1.48
CA HIS A 102 -7.59 -14.31 -1.33
C HIS A 102 -7.06 -12.89 -1.54
N PHE A 103 -7.95 -11.90 -1.42
CA PHE A 103 -7.70 -10.56 -1.96
C PHE A 103 -6.92 -9.66 -1.03
N HIS A 104 -6.67 -10.06 0.21
CA HIS A 104 -6.04 -9.15 1.15
C HIS A 104 -4.54 -8.99 0.83
N ASP A 105 -3.96 -7.94 1.42
CA ASP A 105 -2.60 -7.54 1.09
CA ASP A 105 -2.60 -7.55 1.05
C ASP A 105 -1.56 -8.60 1.43
N ASP A 106 -1.82 -9.43 2.44
CA ASP A 106 -0.83 -10.45 2.75
C ASP A 106 -0.78 -11.57 1.72
N ARG A 107 -1.71 -11.58 0.76
CA ARG A 107 -1.74 -12.59 -0.29
CA ARG A 107 -1.70 -12.59 -0.28
C ARG A 107 -1.46 -12.01 -1.68
N VAL A 108 -1.85 -10.76 -1.93
CA VAL A 108 -1.63 -10.10 -3.21
C VAL A 108 -0.59 -9.00 -3.14
N GLY A 109 -0.18 -8.56 -1.96
CA GLY A 109 0.82 -7.51 -1.89
C GLY A 109 2.16 -8.08 -2.30
N GLY A 110 2.72 -7.62 -3.41
CA GLY A 110 3.86 -8.28 -4.03
C GLY A 110 3.56 -8.83 -5.41
N VAL A 111 2.29 -8.84 -5.82
CA VAL A 111 1.93 -9.28 -7.16
C VAL A 111 2.62 -8.45 -8.23
N ASP A 112 2.78 -7.13 -8.00
CA ASP A 112 3.44 -6.30 -9.00
C ASP A 112 4.90 -6.67 -9.14
N VAL A 113 5.56 -7.01 -8.02
CA VAL A 113 6.94 -7.49 -8.07
C VAL A 113 7.03 -8.81 -8.84
N LEU A 114 6.11 -9.74 -8.56
CA LEU A 114 6.09 -10.99 -9.30
C LEU A 114 5.91 -10.73 -10.79
N ARG A 115 4.92 -9.91 -11.14
CA ARG A 115 4.65 -9.59 -12.54
C ARG A 115 5.88 -8.98 -13.21
N ALA A 116 6.53 -8.03 -12.56
CA ALA A 116 7.71 -7.41 -13.15
C ALA A 116 8.83 -8.42 -13.38
N ALA A 117 8.93 -9.44 -12.53
CA ALA A 117 9.93 -10.49 -12.66
C ALA A 117 9.56 -11.57 -13.68
N GLY A 118 8.42 -11.42 -14.39
CA GLY A 118 8.01 -12.38 -15.39
C GLY A 118 7.18 -13.54 -14.88
N VAL A 119 6.66 -13.48 -13.65
CA VAL A 119 5.81 -14.55 -13.13
C VAL A 119 4.38 -14.25 -13.58
N ALA A 120 3.72 -15.28 -14.13
CA ALA A 120 2.30 -15.16 -14.46
C ALA A 120 1.48 -15.30 -13.17
N THR A 121 0.73 -14.26 -12.83
CA THR A 121 -0.03 -14.22 -11.59
C THR A 121 -1.50 -14.55 -11.84
N TYR A 122 -2.10 -15.29 -10.90
CA TYR A 122 -3.44 -15.84 -11.01
C TYR A 122 -4.21 -15.63 -9.72
N ALA A 123 -5.51 -15.44 -9.84
CA ALA A 123 -6.44 -15.54 -8.72
C ALA A 123 -7.81 -15.80 -9.31
N SER A 124 -8.76 -16.16 -8.45
CA SER A 124 -10.12 -16.31 -8.96
C SER A 124 -10.65 -14.96 -9.38
N PRO A 125 -11.70 -14.92 -10.22
CA PRO A 125 -12.28 -13.63 -10.60
C PRO A 125 -12.88 -12.90 -9.42
N SER A 126 -13.37 -13.64 -8.41
CA SER A 126 -13.88 -12.99 -7.22
CA SER A 126 -13.88 -12.99 -7.22
C SER A 126 -12.75 -12.29 -6.46
N THR A 127 -11.61 -12.97 -6.32
CA THR A 127 -10.45 -12.36 -5.67
C THR A 127 -9.99 -11.12 -6.43
N ARG A 128 -9.89 -11.19 -7.75
CA ARG A 128 -9.42 -10.04 -8.51
C ARG A 128 -10.34 -8.85 -8.31
N ARG A 129 -11.66 -9.08 -8.32
CA ARG A 129 -12.58 -7.98 -8.14
C ARG A 129 -12.46 -7.37 -6.76
N LEU A 130 -12.39 -8.20 -5.72
CA LEU A 130 -12.28 -7.68 -4.36
C LEU A 130 -10.96 -6.95 -4.17
N ALA A 131 -9.89 -7.44 -4.78
CA ALA A 131 -8.60 -6.76 -4.70
C ALA A 131 -8.71 -5.37 -5.31
N GLU A 132 -9.37 -5.28 -6.45
CA GLU A 132 -9.54 -3.99 -7.11
C GLU A 132 -10.32 -3.03 -6.24
N VAL A 133 -11.43 -3.51 -5.67
CA VAL A 133 -12.24 -2.66 -4.79
C VAL A 133 -11.41 -2.13 -3.63
N GLU A 134 -10.53 -2.98 -3.08
CA GLU A 134 -9.71 -2.60 -1.94
C GLU A 134 -8.54 -1.70 -2.33
N GLY A 135 -8.31 -1.48 -3.63
CA GLY A 135 -7.13 -0.77 -4.07
C GLY A 135 -5.85 -1.55 -3.94
N ASN A 136 -5.94 -2.88 -3.85
CA ASN A 136 -4.78 -3.74 -3.73
C ASN A 136 -4.27 -4.12 -5.12
N GLU A 137 -3.13 -4.79 -5.15
CA GLU A 137 -2.58 -5.28 -6.39
C GLU A 137 -3.44 -6.43 -6.93
N ILE A 138 -3.53 -6.52 -8.25
CA ILE A 138 -4.51 -7.39 -8.92
C ILE A 138 -3.79 -8.42 -9.78
N PRO A 139 -3.86 -9.71 -9.44
CA PRO A 139 -3.27 -10.74 -10.29
C PRO A 139 -3.81 -10.66 -11.71
N THR A 140 -2.96 -11.05 -12.67
CA THR A 140 -3.29 -10.88 -14.08
C THR A 140 -4.42 -11.81 -14.51
N HIS A 141 -4.29 -13.09 -14.22
CA HIS A 141 -5.17 -14.10 -14.79
C HIS A 141 -6.27 -14.50 -13.83
N SER A 142 -7.36 -14.95 -14.41
CA SER A 142 -8.56 -15.38 -13.68
C SER A 142 -8.67 -16.90 -13.72
N LEU A 143 -8.82 -17.50 -12.55
CA LEU A 143 -9.00 -18.94 -12.42
C LEU A 143 -10.48 -19.27 -12.52
N GLU A 144 -10.86 -19.98 -13.57
CA GLU A 144 -12.24 -20.41 -13.72
C GLU A 144 -12.51 -21.66 -12.90
N GLY A 145 -13.79 -21.94 -12.69
CA GLY A 145 -14.20 -23.20 -12.09
C GLY A 145 -14.13 -23.25 -10.58
N LEU A 146 -14.07 -22.09 -9.91
CA LEU A 146 -13.95 -22.06 -8.46
C LEU A 146 -15.02 -21.18 -7.82
N SER A 147 -16.13 -20.91 -8.52
CA SER A 147 -17.07 -19.91 -8.04
C SER A 147 -18.09 -20.45 -7.04
N SER A 148 -18.27 -21.77 -6.96
CA SER A 148 -19.26 -22.36 -6.09
C SER A 148 -18.58 -23.21 -5.02
N SER A 149 -19.08 -23.13 -3.79
CA SER A 149 -18.49 -23.89 -2.70
CA SER A 149 -18.50 -23.90 -2.69
C SER A 149 -18.42 -25.37 -3.07
N GLY A 150 -17.27 -25.97 -2.79
CA GLY A 150 -17.01 -27.36 -3.14
C GLY A 150 -16.34 -27.55 -4.48
N ASP A 151 -16.18 -26.47 -5.27
CA ASP A 151 -15.52 -26.60 -6.57
C ASP A 151 -14.03 -26.83 -6.40
N ALA A 152 -13.46 -27.66 -7.27
CA ALA A 152 -12.03 -27.92 -7.27
C ALA A 152 -11.55 -27.94 -8.71
N VAL A 153 -10.32 -27.47 -8.92
CA VAL A 153 -9.64 -27.56 -10.20
C VAL A 153 -8.18 -27.91 -9.99
N ARG A 154 -7.62 -28.63 -10.95
CA ARG A 154 -6.20 -28.89 -10.96
C ARG A 154 -5.47 -27.70 -11.57
N PHE A 155 -4.33 -27.35 -10.99
CA PHE A 155 -3.51 -26.24 -11.49
C PHE A 155 -2.07 -26.72 -11.35
N GLY A 156 -1.51 -27.25 -12.42
CA GLY A 156 -0.20 -27.85 -12.35
C GLY A 156 -0.14 -28.95 -11.30
N PRO A 157 0.82 -28.86 -10.37
CA PRO A 157 1.01 -29.92 -9.39
C PRO A 157 0.08 -29.84 -8.19
N VAL A 158 -0.89 -28.92 -8.17
CA VAL A 158 -1.80 -28.81 -7.03
C VAL A 158 -3.24 -28.90 -7.48
N GLU A 159 -4.10 -29.13 -6.50
CA GLU A 159 -5.53 -28.90 -6.63
C GLU A 159 -5.89 -27.63 -5.86
N LEU A 160 -6.64 -26.76 -6.52
CA LEU A 160 -7.21 -25.58 -5.88
C LEU A 160 -8.66 -25.89 -5.52
N PHE A 161 -9.07 -25.46 -4.33
CA PHE A 161 -10.40 -25.78 -3.82
C PHE A 161 -11.03 -24.53 -3.23
N TYR A 162 -12.29 -24.28 -3.58
CA TYR A 162 -13.04 -23.19 -2.97
C TYR A 162 -13.97 -23.84 -1.95
N PRO A 163 -13.71 -23.72 -0.65
CA PRO A 163 -14.51 -24.43 0.34
C PRO A 163 -15.80 -23.72 0.69
N GLY A 164 -16.00 -22.50 0.17
CA GLY A 164 -17.01 -21.60 0.67
C GLY A 164 -16.39 -20.46 1.45
N ALA A 165 -17.21 -19.46 1.74
CA ALA A 165 -16.76 -18.29 2.47
C ALA A 165 -16.28 -18.66 3.88
N ALA A 166 -15.22 -18.00 4.35
CA ALA A 166 -14.68 -18.31 5.67
C ALA A 166 -13.99 -17.06 6.19
N HIS A 167 -12.65 -17.07 6.20
CA HIS A 167 -11.92 -15.85 6.53
C HIS A 167 -12.29 -14.71 5.61
N SER A 168 -12.55 -15.01 4.34
CA SER A 168 -13.06 -14.05 3.36
C SER A 168 -14.00 -14.83 2.43
N THR A 169 -14.78 -14.11 1.63
CA THR A 169 -15.74 -14.80 0.77
C THR A 169 -15.06 -15.54 -0.38
N ASP A 170 -13.85 -15.13 -0.75
CA ASP A 170 -13.16 -15.64 -1.93
C ASP A 170 -12.08 -16.66 -1.59
N ASN A 171 -11.87 -16.99 -0.33
CA ASN A 171 -10.69 -17.74 0.06
C ASN A 171 -10.60 -19.13 -0.56
N LEU A 172 -9.40 -19.43 -1.09
CA LEU A 172 -9.08 -20.73 -1.66
C LEU A 172 -8.14 -21.49 -0.74
N VAL A 173 -8.23 -22.82 -0.80
CA VAL A 173 -7.19 -23.66 -0.21
C VAL A 173 -6.52 -24.47 -1.31
N VAL A 174 -5.35 -25.02 -0.99
CA VAL A 174 -4.49 -25.64 -1.99
C VAL A 174 -4.04 -26.99 -1.43
N TYR A 175 -4.16 -28.05 -2.25
CA TYR A 175 -3.71 -29.37 -1.83
C TYR A 175 -2.66 -29.88 -2.80
N VAL A 176 -1.58 -30.45 -2.27
CA VAL A 176 -0.53 -31.08 -3.07
C VAL A 176 -0.68 -32.59 -2.97
N PRO A 177 -1.29 -33.25 -3.96
CA PRO A 177 -1.60 -34.67 -3.78
C PRO A 177 -0.38 -35.57 -3.64
N SER A 178 0.70 -35.25 -4.34
CA SER A 178 1.90 -36.10 -4.26
C SER A 178 2.49 -36.12 -2.86
N ALA A 179 2.30 -35.05 -2.08
CA ALA A 179 2.90 -34.91 -0.77
C ALA A 179 1.90 -34.93 0.38
N SER A 180 0.60 -34.97 0.10
CA SER A 180 -0.44 -34.93 1.13
CA SER A 180 -0.43 -34.94 1.15
C SER A 180 -0.34 -33.66 1.98
N VAL A 181 -0.05 -32.55 1.33
CA VAL A 181 0.12 -31.26 2.00
C VAL A 181 -1.10 -30.40 1.68
N LEU A 182 -1.75 -29.91 2.73
CA LEU A 182 -2.91 -29.02 2.61
C LEU A 182 -2.50 -27.64 3.12
N TYR A 183 -2.58 -26.65 2.24
CA TYR A 183 -2.31 -25.25 2.61
C TYR A 183 -3.65 -24.56 2.75
N GLY A 184 -3.96 -24.14 3.99
CA GLY A 184 -5.26 -23.56 4.26
C GLY A 184 -5.34 -22.06 4.12
N GLY A 185 -4.21 -21.38 3.93
CA GLY A 185 -4.22 -19.93 3.97
C GLY A 185 -4.91 -19.43 5.21
N CYS A 186 -5.49 -18.23 5.11
CA CYS A 186 -5.97 -17.57 6.32
C CYS A 186 -7.31 -18.10 6.81
N ALA A 187 -7.89 -19.08 6.10
CA ALA A 187 -9.08 -19.75 6.58
C ALA A 187 -8.78 -20.77 7.67
N ILE A 188 -7.51 -21.13 7.87
CA ILE A 188 -7.12 -22.12 8.87
C ILE A 188 -6.13 -21.47 9.83
N TYR A 189 -6.42 -21.57 11.13
CA TYR A 189 -5.60 -20.95 12.18
C TYR A 189 -4.60 -21.95 12.73
N GLU A 190 -3.40 -21.47 13.08
CA GLU A 190 -2.49 -22.28 13.87
C GLU A 190 -3.04 -22.51 15.27
N LEU A 191 -2.54 -23.59 15.91
CA LEU A 191 -3.05 -23.99 17.22
C LEU A 191 -2.83 -22.94 18.29
N SER A 192 -1.73 -22.21 18.23
CA SER A 192 -1.44 -21.23 19.28
CA SER A 192 -1.42 -21.22 19.25
C SER A 192 -2.36 -20.02 19.22
N ARG A 193 -3.14 -19.85 18.16
CA ARG A 193 -4.07 -18.74 18.07
C ARG A 193 -5.42 -19.21 18.59
N THR A 194 -5.87 -18.63 19.72
CA THR A 194 -7.10 -19.05 20.36
C THR A 194 -8.17 -17.96 20.33
N SER A 195 -7.90 -16.82 19.70
CA SER A 195 -8.90 -15.79 19.49
C SER A 195 -8.95 -15.46 18.01
N ALA A 196 -10.08 -14.95 17.56
CA ALA A 196 -10.23 -14.70 16.14
C ALA A 196 -9.30 -13.57 15.71
N GLY A 197 -8.82 -13.65 14.48
CA GLY A 197 -7.91 -12.63 14.01
C GLY A 197 -8.67 -11.41 13.54
N ASN A 198 -8.26 -10.87 12.41
CA ASN A 198 -9.05 -9.87 11.73
C ASN A 198 -10.13 -10.60 10.95
N VAL A 199 -11.38 -10.37 11.33
CA VAL A 199 -12.50 -11.03 10.66
C VAL A 199 -13.43 -10.02 9.99
N ALA A 200 -12.91 -8.83 9.68
CA ALA A 200 -13.76 -7.78 9.12
C ALA A 200 -14.43 -8.19 7.83
N ASP A 201 -13.80 -9.07 7.04
CA ASP A 201 -14.35 -9.51 5.77
C ASP A 201 -14.80 -10.97 5.80
N ALA A 202 -14.91 -11.57 6.98
CA ALA A 202 -15.20 -12.98 7.11
C ALA A 202 -16.70 -13.24 7.01
N ASP A 203 -17.03 -14.47 6.66
CA ASP A 203 -18.38 -15.00 6.80
C ASP A 203 -18.32 -15.97 7.99
N LEU A 204 -18.54 -15.43 9.19
CA LEU A 204 -18.51 -16.25 10.39
C LEU A 204 -19.58 -17.33 10.37
N ALA A 205 -20.74 -17.02 9.79
CA ALA A 205 -21.83 -17.99 9.79
C ALA A 205 -21.52 -19.20 8.94
N GLU A 206 -20.75 -19.01 7.87
CA GLU A 206 -20.45 -20.09 6.94
C GLU A 206 -19.10 -20.75 7.20
N TRP A 207 -18.24 -20.11 7.98
CA TRP A 207 -16.86 -20.60 8.15
C TRP A 207 -16.81 -22.04 8.65
N PRO A 208 -17.55 -22.45 9.69
CA PRO A 208 -17.48 -23.87 10.08
C PRO A 208 -17.90 -24.83 8.98
N THR A 209 -18.96 -24.48 8.23
CA THR A 209 -19.38 -25.32 7.12
C THR A 209 -18.30 -25.43 6.05
N SER A 210 -17.62 -24.31 5.74
CA SER A 210 -16.53 -24.33 4.77
CA SER A 210 -16.54 -24.34 4.76
C SER A 210 -15.39 -25.21 5.25
N ILE A 211 -15.05 -25.14 6.54
CA ILE A 211 -14.03 -26.02 7.09
CA ILE A 211 -14.03 -26.02 7.11
C ILE A 211 -14.43 -27.49 6.95
N GLU A 212 -15.70 -27.80 7.19
CA GLU A 212 -16.12 -29.19 7.01
CA GLU A 212 -16.18 -29.17 7.01
C GLU A 212 -15.96 -29.64 5.57
N ARG A 213 -16.17 -28.74 4.60
CA ARG A 213 -15.95 -29.15 3.21
C ARG A 213 -14.48 -29.50 2.98
N ILE A 214 -13.56 -28.73 3.60
CA ILE A 214 -12.14 -29.04 3.50
C ILE A 214 -11.86 -30.44 4.05
N GLN A 215 -12.36 -30.71 5.26
CA GLN A 215 -12.16 -32.02 5.88
C GLN A 215 -12.72 -33.14 4.98
N GLN A 216 -13.91 -32.92 4.42
CA GLN A 216 -14.53 -33.92 3.56
C GLN A 216 -13.71 -34.18 2.30
N HIS A 217 -13.09 -33.14 1.75
CA HIS A 217 -12.39 -33.28 0.49
C HIS A 217 -10.96 -33.78 0.66
N TYR A 218 -10.33 -33.46 1.79
CA TYR A 218 -8.92 -33.83 2.03
C TYR A 218 -8.72 -34.57 3.35
N PRO A 219 -9.50 -35.62 3.60
CA PRO A 219 -9.34 -36.37 4.87
C PRO A 219 -8.01 -37.07 5.00
N GLU A 220 -7.30 -37.27 3.90
CA GLU A 220 -6.01 -37.94 3.89
C GLU A 220 -4.84 -36.99 4.11
N ALA A 221 -5.09 -35.70 4.27
CA ALA A 221 -3.99 -34.73 4.41
C ALA A 221 -3.14 -35.06 5.64
N GLN A 222 -1.82 -35.04 5.45
CA GLN A 222 -0.86 -35.33 6.52
C GLN A 222 -0.22 -34.10 7.11
N PHE A 223 -0.10 -33.02 6.34
CA PHE A 223 0.51 -31.78 6.79
C PHE A 223 -0.46 -30.67 6.45
N VAL A 224 -0.80 -29.85 7.44
CA VAL A 224 -1.75 -28.74 7.23
C VAL A 224 -1.02 -27.45 7.57
N ILE A 225 -0.94 -26.54 6.60
CA ILE A 225 -0.21 -25.28 6.74
CA ILE A 225 -0.22 -25.28 6.76
C ILE A 225 -1.23 -24.16 6.94
N PRO A 226 -1.23 -23.47 8.07
CA PRO A 226 -2.11 -22.32 8.26
C PRO A 226 -1.53 -21.10 7.55
N GLY A 227 -2.35 -20.08 7.41
CA GLY A 227 -1.87 -18.86 6.77
C GLY A 227 -0.78 -18.17 7.57
N HIS A 228 -0.79 -18.36 8.89
CA HIS A 228 0.18 -17.77 9.81
C HIS A 228 0.55 -18.79 10.87
N GLY A 229 1.84 -19.02 11.04
CA GLY A 229 2.31 -19.82 12.15
C GLY A 229 2.58 -21.27 11.82
N LEU A 230 2.53 -22.11 12.85
CA LEU A 230 3.13 -23.43 12.78
C LEU A 230 2.21 -24.41 12.06
N PRO A 231 2.78 -25.21 11.16
CA PRO A 231 2.03 -26.32 10.56
C PRO A 231 1.61 -27.34 11.62
N GLY A 232 0.61 -28.11 11.28
CA GLY A 232 0.18 -29.23 12.09
C GLY A 232 -0.52 -30.25 11.22
N GLY A 233 -1.48 -30.95 11.81
CA GLY A 233 -2.29 -31.90 11.11
C GLY A 233 -3.70 -31.39 10.91
N LEU A 234 -4.60 -32.32 10.57
CA LEU A 234 -5.98 -31.93 10.34
C LEU A 234 -6.64 -31.38 11.61
N ASP A 235 -6.02 -31.60 12.78
CA ASP A 235 -6.52 -31.01 14.01
CA ASP A 235 -6.52 -31.00 14.02
C ASP A 235 -6.66 -29.50 13.90
N LEU A 236 -5.91 -28.85 13.00
CA LEU A 236 -6.04 -27.40 12.88
C LEU A 236 -7.44 -26.99 12.41
N LEU A 237 -8.13 -27.88 11.69
CA LEU A 237 -9.44 -27.54 11.16
C LEU A 237 -10.46 -27.38 12.29
N LYS A 238 -10.58 -28.39 13.16
CA LYS A 238 -11.53 -28.31 14.25
C LYS A 238 -11.13 -27.22 15.25
N HIS A 239 -9.82 -27.01 15.44
CA HIS A 239 -9.38 -25.90 16.26
C HIS A 239 -9.89 -24.58 15.69
N THR A 240 -9.80 -24.40 14.37
CA THR A 240 -10.25 -23.14 13.79
C THR A 240 -11.76 -22.97 13.97
N THR A 241 -12.52 -24.05 13.76
CA THR A 241 -13.95 -24.00 14.01
C THR A 241 -14.27 -23.61 15.45
N ASN A 242 -13.54 -24.17 16.42
CA ASN A 242 -13.76 -23.80 17.82
CA ASN A 242 -13.76 -23.80 17.82
C ASN A 242 -13.54 -22.31 18.03
N VAL A 243 -12.44 -21.77 17.51
CA VAL A 243 -12.14 -20.34 17.66
C VAL A 243 -13.24 -19.49 17.01
N VAL A 244 -13.65 -19.85 15.80
CA VAL A 244 -14.66 -19.08 15.08
C VAL A 244 -15.99 -19.10 15.83
N LYS A 245 -16.39 -20.27 16.32
CA LYS A 245 -17.66 -20.37 17.04
C LYS A 245 -17.61 -19.60 18.36
N ALA A 246 -16.48 -19.69 19.07
CA ALA A 246 -16.35 -18.88 20.29
C ALA A 246 -16.47 -17.39 19.97
N HIS A 247 -15.83 -16.94 18.89
CA HIS A 247 -15.97 -15.55 18.49
C HIS A 247 -17.40 -15.20 18.13
N THR A 248 -18.09 -16.08 17.41
CA THR A 248 -19.48 -15.85 17.05
CA THR A 248 -19.45 -15.70 17.06
C THR A 248 -20.34 -15.59 18.28
N ASN A 249 -20.09 -16.36 19.34
CA ASN A 249 -20.88 -16.24 20.56
C ASN A 249 -20.40 -15.14 21.51
N ARG A 250 -19.34 -14.42 21.14
CA ARG A 250 -18.83 -13.31 21.96
C ARG A 250 -19.95 -12.33 22.36
N GLU B 20 -11.05 28.08 -14.85
CA GLU B 20 -11.88 27.61 -13.74
C GLU B 20 -11.10 27.43 -12.44
N TYR B 21 -9.80 27.13 -12.56
CA TYR B 21 -8.97 26.98 -11.37
C TYR B 21 -8.84 28.31 -10.64
N PRO B 22 -9.02 28.33 -9.32
CA PRO B 22 -8.93 29.60 -8.59
C PRO B 22 -7.51 30.16 -8.60
N THR B 23 -7.42 31.48 -8.76
CA THR B 23 -6.17 32.22 -8.78
C THR B 23 -6.12 33.20 -7.61
N VAL B 24 -4.97 33.87 -7.47
CA VAL B 24 -4.74 34.76 -6.32
C VAL B 24 -5.83 35.81 -6.20
N SER B 25 -6.09 36.55 -7.29
CA SER B 25 -6.99 37.69 -7.23
C SER B 25 -8.41 37.32 -6.83
N GLU B 26 -8.74 36.03 -6.81
CA GLU B 26 -10.07 35.58 -6.43
C GLU B 26 -10.12 34.97 -5.04
N ILE B 27 -8.99 34.94 -4.32
CA ILE B 27 -8.97 34.38 -2.96
C ILE B 27 -8.39 35.39 -1.99
N PRO B 28 -9.22 36.11 -1.25
CA PRO B 28 -8.69 36.96 -0.17
C PRO B 28 -7.93 36.10 0.84
N VAL B 29 -6.83 36.65 1.36
CA VAL B 29 -6.05 35.92 2.35
C VAL B 29 -6.93 35.62 3.55
N GLY B 30 -6.92 34.37 3.99
CA GLY B 30 -7.83 33.87 5.00
C GLY B 30 -8.93 32.98 4.46
N GLU B 31 -9.19 33.03 3.15
CA GLU B 31 -10.19 32.19 2.52
CA GLU B 31 -10.19 32.20 2.50
C GLU B 31 -9.52 31.01 1.83
N VAL B 32 -10.29 29.94 1.66
CA VAL B 32 -9.81 28.71 1.01
C VAL B 32 -10.82 28.28 -0.02
N ARG B 33 -10.34 27.89 -1.20
CA ARG B 33 -11.17 27.33 -2.23
C ARG B 33 -10.83 25.86 -2.42
N LEU B 34 -11.83 25.08 -2.79
CA LEU B 34 -11.63 23.70 -3.21
C LEU B 34 -11.90 23.60 -4.70
N TYR B 35 -11.18 22.69 -5.36
CA TYR B 35 -11.35 22.44 -6.78
C TYR B 35 -11.42 20.94 -6.97
N GLN B 36 -12.55 20.44 -7.46
CA GLN B 36 -12.66 19.01 -7.69
C GLN B 36 -11.91 18.66 -8.97
N ILE B 37 -10.97 17.74 -8.86
CA ILE B 37 -10.14 17.31 -9.97
C ILE B 37 -10.69 16.07 -10.64
N ALA B 38 -11.11 15.11 -9.83
CA ALA B 38 -11.68 13.86 -10.29
C ALA B 38 -12.56 13.35 -9.17
N ASP B 39 -13.16 12.18 -9.40
CA ASP B 39 -14.00 11.56 -8.37
C ASP B 39 -13.21 11.38 -7.08
N GLY B 40 -13.68 12.02 -6.02
CA GLY B 40 -13.07 11.84 -4.71
C GLY B 40 -11.71 12.47 -4.53
N VAL B 41 -11.32 13.40 -5.42
CA VAL B 41 -10.03 14.06 -5.33
C VAL B 41 -10.22 15.54 -5.59
N TRP B 42 -9.75 16.37 -4.66
CA TRP B 42 -9.82 17.81 -4.74
C TRP B 42 -8.45 18.38 -4.45
N SER B 43 -8.18 19.55 -4.99
CA SER B 43 -7.14 20.38 -4.42
C SER B 43 -7.77 21.42 -3.52
N HIS B 44 -6.99 21.89 -2.56
CA HIS B 44 -7.33 23.07 -1.79
C HIS B 44 -6.37 24.19 -2.13
N ILE B 45 -6.90 25.40 -2.24
CA ILE B 45 -6.12 26.56 -2.67
C ILE B 45 -6.33 27.67 -1.65
N ALA B 46 -5.23 28.18 -1.12
CA ALA B 46 -5.24 29.29 -0.18
C ALA B 46 -4.19 30.30 -0.62
N THR B 47 -4.19 31.46 0.03
CA THR B 47 -3.24 32.51 -0.30
C THR B 47 -2.54 32.97 0.97
N GLN B 48 -1.35 33.55 0.78
CA GLN B 48 -0.57 34.06 1.90
C GLN B 48 0.29 35.21 1.42
N SER B 49 0.42 36.22 2.27
CA SER B 49 1.33 37.32 2.02
C SER B 49 2.72 36.91 2.47
N PHE B 50 3.71 37.16 1.62
CA PHE B 50 5.08 36.77 1.93
C PHE B 50 6.01 37.74 1.21
N ASP B 51 6.83 38.47 1.97
CA ASP B 51 7.81 39.39 1.40
C ASP B 51 7.17 40.41 0.46
N GLY B 52 6.00 40.93 0.84
CA GLY B 52 5.34 41.97 0.09
C GLY B 52 4.49 41.52 -1.08
N ALA B 53 4.53 40.25 -1.46
CA ALA B 53 3.72 39.72 -2.54
C ALA B 53 2.72 38.71 -1.98
N VAL B 54 1.69 38.40 -2.78
CA VAL B 54 0.71 37.40 -2.41
C VAL B 54 0.91 36.18 -3.31
N TYR B 55 0.94 35.00 -2.70
CA TYR B 55 1.16 33.75 -3.39
C TYR B 55 0.01 32.81 -3.14
N PRO B 56 -0.41 32.03 -4.13
CA PRO B 56 -1.34 30.94 -3.89
C PRO B 56 -0.57 29.68 -3.51
N SER B 57 -1.29 28.72 -2.94
CA SER B 57 -0.66 27.50 -2.50
C SER B 57 -1.70 26.40 -2.58
N ASN B 58 -1.29 25.24 -3.10
CA ASN B 58 -2.14 24.07 -3.25
C ASN B 58 -1.83 23.00 -2.21
N GLY B 59 -2.87 22.30 -1.80
CA GLY B 59 -2.76 21.00 -1.18
C GLY B 59 -3.76 20.05 -1.83
N LEU B 60 -3.96 18.87 -1.26
CA LEU B 60 -4.81 17.86 -1.85
C LEU B 60 -5.74 17.27 -0.80
N ILE B 61 -6.90 16.81 -1.25
CA ILE B 61 -7.86 16.09 -0.41
C ILE B 61 -8.29 14.84 -1.16
N VAL B 62 -8.23 13.69 -0.51
CA VAL B 62 -8.53 12.41 -1.16
C VAL B 62 -9.55 11.66 -0.31
N ARG B 63 -10.66 11.29 -0.92
CA ARG B 63 -11.67 10.52 -0.19
C ARG B 63 -11.16 9.13 0.13
N ASP B 64 -11.41 8.70 1.37
CA ASP B 64 -10.86 7.49 1.97
C ASP B 64 -12.04 6.75 2.61
N GLY B 65 -12.85 6.12 1.76
CA GLY B 65 -14.10 5.53 2.21
C GLY B 65 -15.10 6.59 2.62
N ASP B 66 -15.45 6.64 3.90
CA ASP B 66 -16.30 7.69 4.45
C ASP B 66 -15.52 8.77 5.18
N GLU B 67 -14.19 8.77 5.07
CA GLU B 67 -13.33 9.79 5.67
C GLU B 67 -12.53 10.47 4.56
N LEU B 68 -11.76 11.49 4.95
CA LEU B 68 -10.89 12.21 4.03
C LEU B 68 -9.46 12.16 4.51
N LEU B 69 -8.55 11.99 3.55
CA LEU B 69 -7.12 12.14 3.78
C LEU B 69 -6.71 13.50 3.23
N LEU B 70 -6.07 14.30 4.09
CA LEU B 70 -5.60 15.63 3.70
C LEU B 70 -4.11 15.59 3.39
N ILE B 71 -3.71 16.22 2.29
CA ILE B 71 -2.29 16.39 1.97
C ILE B 71 -1.96 17.87 2.10
N ASP B 72 -1.17 18.20 3.12
CA ASP B 72 -0.65 19.54 3.39
C ASP B 72 -1.66 20.49 4.02
N THR B 73 -1.17 21.36 4.89
CA THR B 73 -1.98 22.40 5.47
C THR B 73 -2.24 23.50 4.44
N ALA B 74 -3.01 24.51 4.84
CA ALA B 74 -3.33 25.64 3.99
C ALA B 74 -2.43 26.84 4.28
N TRP B 75 -1.24 26.60 4.82
CA TRP B 75 -0.21 27.61 5.07
C TRP B 75 -0.63 28.52 6.21
N GLY B 76 -0.61 28.01 7.43
CA GLY B 76 -0.90 28.80 8.61
C GLY B 76 -2.19 28.37 9.29
N ALA B 77 -2.32 28.76 10.57
CA ALA B 77 -3.43 28.31 11.40
C ALA B 77 -4.77 28.89 10.92
N LYS B 78 -4.81 30.18 10.60
CA LYS B 78 -6.03 30.82 10.13
C LYS B 78 -6.55 30.18 8.86
N ASN B 79 -5.68 30.04 7.85
CA ASN B 79 -6.07 29.40 6.60
C ASN B 79 -6.48 27.95 6.83
N THR B 80 -5.80 27.25 7.74
CA THR B 80 -6.10 25.83 7.93
C THR B 80 -7.43 25.63 8.64
N ALA B 81 -7.76 26.51 9.59
CA ALA B 81 -9.10 26.47 10.15
C ALA B 81 -10.15 26.72 9.08
N ALA B 82 -9.89 27.69 8.19
CA ALA B 82 -10.81 27.95 7.09
C ALA B 82 -10.87 26.75 6.15
N LEU B 83 -9.74 26.08 5.93
CA LEU B 83 -9.74 24.88 5.13
C LEU B 83 -10.70 23.84 5.69
N LEU B 84 -10.64 23.59 7.00
CA LEU B 84 -11.51 22.58 7.59
C LEU B 84 -12.97 22.99 7.45
N ALA B 85 -13.25 24.28 7.61
CA ALA B 85 -14.62 24.75 7.46
C ALA B 85 -15.10 24.60 6.03
N GLU B 86 -14.22 24.87 5.05
CA GLU B 86 -14.61 24.73 3.66
C GLU B 86 -14.81 23.27 3.30
N ILE B 87 -13.98 22.37 3.84
CA ILE B 87 -14.19 20.93 3.63
C ILE B 87 -15.55 20.51 4.17
N GLU B 88 -15.87 20.96 5.40
CA GLU B 88 -17.17 20.61 5.98
C GLU B 88 -18.33 21.11 5.14
N LYS B 89 -18.21 22.32 4.60
CA LYS B 89 -19.32 22.89 3.85
C LYS B 89 -19.49 22.25 2.48
N GLN B 90 -18.38 21.93 1.78
CA GLN B 90 -18.53 21.41 0.42
C GLN B 90 -18.45 19.89 0.31
N ILE B 91 -17.84 19.20 1.26
CA ILE B 91 -17.72 17.75 1.22
C ILE B 91 -18.45 17.09 2.39
N GLY B 92 -18.23 17.59 3.60
CA GLY B 92 -19.01 17.15 4.74
C GLY B 92 -18.61 15.82 5.33
N LEU B 93 -17.42 15.30 4.98
CA LEU B 93 -16.84 14.12 5.58
C LEU B 93 -15.68 14.54 6.49
N PRO B 94 -15.39 13.77 7.54
CA PRO B 94 -14.31 14.16 8.47
C PRO B 94 -12.92 13.86 7.91
N VAL B 95 -12.02 14.82 8.10
CA VAL B 95 -10.61 14.60 7.84
C VAL B 95 -10.06 13.81 9.02
N THR B 96 -9.59 12.60 8.76
CA THR B 96 -9.07 11.77 9.84
C THR B 96 -7.55 11.68 9.85
N ARG B 97 -6.89 11.85 8.71
CA ARG B 97 -5.43 11.83 8.65
C ARG B 97 -4.95 12.94 7.72
N ALA B 98 -3.75 13.45 8.01
CA ALA B 98 -3.11 14.41 7.13
C ALA B 98 -1.65 14.04 6.99
N VAL B 99 -1.10 14.32 5.81
CA VAL B 99 0.32 14.12 5.52
C VAL B 99 0.88 15.46 5.08
N SER B 100 2.01 15.87 5.67
CA SER B 100 2.75 17.03 5.20
C SER B 100 3.92 16.57 4.34
N THR B 101 4.07 17.21 3.17
CA THR B 101 5.02 16.72 2.17
C THR B 101 6.43 17.29 2.28
N HIS B 102 6.65 18.36 3.07
CA HIS B 102 7.99 18.71 3.53
C HIS B 102 7.84 19.67 4.71
N PHE B 103 8.98 20.12 5.24
CA PHE B 103 9.00 20.75 6.55
C PHE B 103 8.69 22.24 6.57
N HIS B 104 8.58 22.89 5.42
CA HIS B 104 8.40 24.35 5.44
C HIS B 104 6.97 24.72 5.87
N ASP B 105 6.80 26.00 6.20
CA ASP B 105 5.55 26.45 6.82
C ASP B 105 4.33 26.31 5.91
N ASP B 106 4.50 26.37 4.58
CA ASP B 106 3.32 26.21 3.74
C ASP B 106 2.78 24.78 3.73
N ARG B 107 3.52 23.83 4.32
CA ARG B 107 3.09 22.45 4.41
C ARG B 107 2.74 21.99 5.82
N VAL B 108 3.39 22.53 6.85
CA VAL B 108 3.12 22.17 8.23
C VAL B 108 2.48 23.27 9.03
N GLY B 109 2.47 24.50 8.53
CA GLY B 109 1.84 25.58 9.28
C GLY B 109 0.36 25.36 9.32
N GLY B 110 -0.18 25.09 10.50
CA GLY B 110 -1.56 24.64 10.62
C GLY B 110 -1.72 23.25 11.16
N VAL B 111 -0.61 22.52 11.37
CA VAL B 111 -0.65 21.18 11.95
C VAL B 111 -1.29 21.20 13.34
N ASP B 112 -1.03 22.26 14.12
CA ASP B 112 -1.63 22.30 15.46
C ASP B 112 -3.15 22.42 15.38
N VAL B 113 -3.66 23.22 14.44
CA VAL B 113 -5.10 23.33 14.22
C VAL B 113 -5.68 21.97 13.84
N LEU B 114 -5.03 21.27 12.89
CA LEU B 114 -5.49 19.94 12.51
C LEU B 114 -5.55 19.01 13.72
N ARG B 115 -4.48 18.99 14.51
CA ARG B 115 -4.43 18.08 15.66
C ARG B 115 -5.52 18.40 16.67
N ALA B 116 -5.76 19.68 16.93
CA ALA B 116 -6.81 20.07 17.86
C ALA B 116 -8.18 19.65 17.35
N ALA B 117 -8.33 19.54 16.03
CA ALA B 117 -9.60 19.11 15.45
C ALA B 117 -9.74 17.59 15.40
N GLY B 118 -8.77 16.85 15.93
CA GLY B 118 -8.84 15.40 15.95
C GLY B 118 -8.17 14.71 14.80
N VAL B 119 -7.46 15.44 13.94
CA VAL B 119 -6.79 14.84 12.79
C VAL B 119 -5.46 14.24 13.24
N ALA B 120 -5.20 13.02 12.79
CA ALA B 120 -3.91 12.37 13.02
C ALA B 120 -2.93 12.86 11.97
N THR B 121 -1.93 13.64 12.37
CA THR B 121 -1.02 14.28 11.43
C THR B 121 0.26 13.45 11.27
N TYR B 122 0.76 13.39 10.03
CA TYR B 122 1.87 12.50 9.68
C TYR B 122 2.90 13.25 8.84
N ALA B 123 4.16 12.81 8.96
CA ALA B 123 5.24 13.24 8.07
C ALA B 123 6.37 12.23 8.21
N SER B 124 7.32 12.27 7.29
CA SER B 124 8.47 11.40 7.44
C SER B 124 9.31 11.82 8.63
N PRO B 125 10.12 10.91 9.16
CA PRO B 125 11.04 11.33 10.24
C PRO B 125 11.93 12.48 9.83
N SER B 126 12.38 12.50 8.58
CA SER B 126 13.19 13.60 8.09
CA SER B 126 13.19 13.61 8.12
C SER B 126 12.43 14.92 8.15
N THR B 127 11.16 14.92 7.71
CA THR B 127 10.38 16.14 7.77
C THR B 127 10.18 16.60 9.20
N ARG B 128 9.89 15.66 10.11
CA ARG B 128 9.67 16.03 11.50
C ARG B 128 10.93 16.62 12.12
N ARG B 129 12.08 16.02 11.82
CA ARG B 129 13.35 16.51 12.34
CA ARG B 129 13.37 16.49 12.31
C ARG B 129 13.65 17.91 11.82
N LEU B 130 13.49 18.13 10.52
CA LEU B 130 13.76 19.44 9.94
C LEU B 130 12.78 20.50 10.44
N ALA B 131 11.51 20.12 10.61
CA ALA B 131 10.54 21.09 11.13
C ALA B 131 10.91 21.50 12.55
N GLU B 132 11.32 20.54 13.37
CA GLU B 132 11.73 20.87 14.74
C GLU B 132 12.92 21.81 14.75
N VAL B 133 13.93 21.56 13.91
CA VAL B 133 15.09 22.43 13.87
C VAL B 133 14.69 23.84 13.45
N GLU B 134 13.75 23.93 12.51
CA GLU B 134 13.32 25.22 11.95
C GLU B 134 12.43 26.00 12.90
N GLY B 135 11.85 25.36 13.90
CA GLY B 135 10.84 25.99 14.73
C GLY B 135 9.44 25.93 14.17
N ASN B 136 9.19 25.04 13.21
CA ASN B 136 7.87 24.89 12.62
C ASN B 136 7.06 23.84 13.38
N GLU B 137 5.75 23.83 13.13
CA GLU B 137 4.91 22.82 13.73
C GLU B 137 5.31 21.44 13.23
N ILE B 138 5.16 20.44 14.09
CA ILE B 138 5.71 19.10 13.89
C ILE B 138 4.59 18.08 13.82
N PRO B 139 4.33 17.50 12.65
CA PRO B 139 3.35 16.41 12.56
C PRO B 139 3.66 15.32 13.57
N THR B 140 2.60 14.73 14.15
CA THR B 140 2.77 13.85 15.30
C THR B 140 3.32 12.47 14.93
N HIS B 141 2.78 11.85 13.89
CA HIS B 141 3.11 10.47 13.54
C HIS B 141 4.16 10.44 12.44
N SER B 142 4.91 9.34 12.39
CA SER B 142 6.01 9.18 11.44
C SER B 142 5.59 8.25 10.30
N LEU B 143 6.00 8.61 9.08
CA LEU B 143 5.82 7.78 7.90
C LEU B 143 7.11 7.02 7.69
N GLU B 144 7.06 5.70 7.89
CA GLU B 144 8.25 4.88 7.74
C GLU B 144 8.37 4.41 6.29
N GLY B 145 9.57 4.01 5.92
CA GLY B 145 9.79 3.41 4.62
C GLY B 145 10.03 4.37 3.49
N LEU B 146 10.37 5.62 3.78
CA LEU B 146 10.52 6.64 2.74
C LEU B 146 11.86 7.33 2.73
N SER B 147 12.88 6.79 3.40
CA SER B 147 14.11 7.56 3.57
C SER B 147 15.08 7.44 2.40
N SER B 148 14.89 6.50 1.49
CA SER B 148 15.79 6.30 0.36
CA SER B 148 15.80 6.30 0.36
C SER B 148 15.11 6.73 -0.94
N SER B 149 15.85 7.47 -1.78
CA SER B 149 15.29 7.95 -3.03
CA SER B 149 15.26 7.96 -3.01
C SER B 149 14.71 6.79 -3.82
N GLY B 150 13.51 6.99 -4.35
CA GLY B 150 12.80 5.94 -5.05
C GLY B 150 11.88 5.11 -4.17
N ASP B 151 11.88 5.33 -2.86
CA ASP B 151 10.99 4.56 -1.98
C ASP B 151 9.54 4.99 -2.16
N ALA B 152 8.63 4.03 -2.10
CA ALA B 152 7.20 4.27 -2.19
C ALA B 152 6.50 3.43 -1.13
N VAL B 153 5.47 4.00 -0.50
CA VAL B 153 4.66 3.28 0.46
C VAL B 153 3.20 3.64 0.23
N ARG B 154 2.31 2.70 0.49
CA ARG B 154 0.90 3.01 0.42
C ARG B 154 0.43 3.71 1.67
N PHE B 155 -0.50 4.65 1.50
CA PHE B 155 -1.13 5.32 2.63
C PHE B 155 -2.60 5.45 2.27
N GLY B 156 -3.35 4.38 2.52
CA GLY B 156 -4.74 4.35 2.14
C GLY B 156 -4.92 4.51 0.64
N PRO B 157 -5.68 5.53 0.24
CA PRO B 157 -6.01 5.70 -1.18
C PRO B 157 -4.93 6.39 -2.01
N VAL B 158 -3.76 6.65 -1.42
CA VAL B 158 -2.66 7.23 -2.15
C VAL B 158 -1.41 6.38 -1.99
N GLU B 159 -0.46 6.59 -2.89
CA GLU B 159 0.92 6.16 -2.72
C GLU B 159 1.76 7.39 -2.39
N LEU B 160 2.62 7.26 -1.39
CA LEU B 160 3.62 8.27 -1.07
C LEU B 160 4.94 7.86 -1.69
N PHE B 161 5.65 8.83 -2.28
CA PHE B 161 6.90 8.56 -2.98
C PHE B 161 7.94 9.59 -2.57
N TYR B 162 9.14 9.13 -2.20
CA TYR B 162 10.26 10.02 -1.97
C TYR B 162 11.15 10.00 -3.20
N PRO B 163 11.15 11.06 -4.01
CA PRO B 163 11.89 11.03 -5.28
C PRO B 163 13.37 11.34 -5.12
N GLY B 164 13.81 11.72 -3.93
CA GLY B 164 15.12 12.30 -3.72
C GLY B 164 15.02 13.81 -3.46
N ALA B 165 16.14 14.39 -3.08
CA ALA B 165 16.17 15.80 -2.74
C ALA B 165 15.86 16.65 -3.96
N ALA B 166 15.11 17.73 -3.75
CA ALA B 166 14.73 18.60 -4.85
C ALA B 166 14.51 20.01 -4.30
N HIS B 167 13.25 20.44 -4.22
CA HIS B 167 12.94 21.68 -3.52
C HIS B 167 13.47 21.66 -2.08
N SER B 168 13.39 20.51 -1.42
CA SER B 168 13.99 20.32 -0.11
C SER B 168 14.50 18.88 -0.05
N THR B 169 15.25 18.55 0.99
CA THR B 169 15.79 17.20 1.04
C THR B 169 14.74 16.16 1.40
N ASP B 170 13.63 16.59 2.02
CA ASP B 170 12.62 15.68 2.53
C ASP B 170 11.38 15.63 1.67
N ASN B 171 11.35 16.34 0.54
CA ASN B 171 10.10 16.48 -0.21
C ASN B 171 9.53 15.16 -0.68
N LEU B 172 8.24 14.95 -0.39
CA LEU B 172 7.48 13.80 -0.87
C LEU B 172 6.53 14.23 -1.98
N VAL B 173 6.22 13.29 -2.86
CA VAL B 173 5.12 13.47 -3.80
C VAL B 173 4.06 12.40 -3.52
N VAL B 174 2.84 12.67 -3.99
CA VAL B 174 1.68 11.86 -3.64
C VAL B 174 0.94 11.50 -4.92
N TYR B 175 0.62 10.21 -5.09
CA TYR B 175 -0.09 9.77 -6.28
C TYR B 175 -1.41 9.13 -5.88
N VAL B 176 -2.49 9.47 -6.58
CA VAL B 176 -3.80 8.88 -6.34
C VAL B 176 -4.07 7.91 -7.49
N PRO B 177 -3.88 6.60 -7.30
CA PRO B 177 -3.99 5.67 -8.43
C PRO B 177 -5.37 5.64 -9.06
N SER B 178 -6.44 5.77 -8.27
CA SER B 178 -7.78 5.64 -8.85
C SER B 178 -8.11 6.78 -9.79
N ALA B 179 -7.46 7.93 -9.64
CA ALA B 179 -7.76 9.11 -10.44
C ALA B 179 -6.62 9.54 -11.35
N SER B 180 -5.47 8.88 -11.26
CA SER B 180 -4.29 9.24 -12.06
C SER B 180 -3.83 10.67 -11.77
N VAL B 181 -3.93 11.07 -10.51
CA VAL B 181 -3.57 12.42 -10.06
C VAL B 181 -2.23 12.34 -9.34
N LEU B 182 -1.26 13.12 -9.81
CA LEU B 182 0.06 13.21 -9.19
C LEU B 182 0.17 14.59 -8.56
N TYR B 183 0.39 14.63 -7.24
CA TYR B 183 0.59 15.87 -6.51
C TYR B 183 2.07 16.02 -6.26
N GLY B 184 2.68 17.03 -6.87
CA GLY B 184 4.12 17.16 -6.76
C GLY B 184 4.60 18.00 -5.61
N GLY B 185 3.70 18.70 -4.94
CA GLY B 185 4.16 19.65 -3.94
C GLY B 185 5.14 20.66 -4.53
N CYS B 186 5.99 21.20 -3.67
CA CYS B 186 6.83 22.31 -4.09
C CYS B 186 8.03 21.89 -4.93
N ALA B 187 8.22 20.58 -5.15
CA ALA B 187 9.20 20.07 -6.08
C ALA B 187 8.79 20.24 -7.55
N ILE B 188 7.54 20.57 -7.82
CA ILE B 188 7.06 20.73 -9.19
C ILE B 188 6.48 22.13 -9.35
N TYR B 189 6.93 22.84 -10.38
CA TYR B 189 6.53 24.22 -10.67
C TYR B 189 5.42 24.24 -11.73
N GLU B 190 4.50 25.19 -11.57
CA GLU B 190 3.52 25.45 -12.61
C GLU B 190 4.20 26.08 -13.82
N LEU B 191 3.57 25.93 -14.99
CA LEU B 191 4.16 26.37 -16.25
C LEU B 191 4.39 27.88 -16.29
N SER B 192 3.53 28.66 -15.63
CA SER B 192 3.65 30.11 -15.63
CA SER B 192 3.67 30.10 -15.67
C SER B 192 4.92 30.59 -14.94
N ARG B 193 5.49 29.78 -14.06
CA ARG B 193 6.67 30.17 -13.30
CA ARG B 193 6.66 30.16 -13.29
C ARG B 193 7.90 29.80 -14.12
N THR B 194 8.63 30.82 -14.59
CA THR B 194 9.79 30.57 -15.44
C THR B 194 11.10 30.87 -14.74
N SER B 195 11.07 31.26 -13.47
CA SER B 195 12.27 31.43 -12.67
CA SER B 195 12.26 31.44 -12.67
C SER B 195 12.11 30.65 -11.37
N ALA B 196 13.22 30.20 -10.82
CA ALA B 196 13.18 29.41 -9.60
C ALA B 196 12.62 30.24 -8.46
N GLY B 197 11.92 29.56 -7.55
CA GLY B 197 11.39 30.24 -6.38
C GLY B 197 12.45 30.42 -5.32
N ASN B 198 12.02 30.38 -4.07
CA ASN B 198 12.99 30.26 -3.00
C ASN B 198 13.61 28.87 -3.07
N VAL B 199 14.91 28.82 -3.21
CA VAL B 199 15.62 27.54 -3.28
C VAL B 199 16.62 27.39 -2.15
N ALA B 200 16.41 28.14 -1.06
CA ALA B 200 17.39 28.19 0.01
C ALA B 200 17.70 26.82 0.58
N ASP B 201 16.71 25.92 0.62
CA ASP B 201 16.91 24.59 1.19
C ASP B 201 16.93 23.51 0.13
N ALA B 202 17.07 23.90 -1.13
CA ALA B 202 16.97 22.95 -2.23
C ALA B 202 18.29 22.28 -2.48
N ASP B 203 18.23 21.15 -3.18
CA ASP B 203 19.41 20.47 -3.70
C ASP B 203 19.32 20.64 -5.22
N LEU B 204 19.90 21.72 -5.73
CA LEU B 204 19.83 22.00 -7.15
C LEU B 204 20.51 20.92 -7.96
N ALA B 205 21.60 20.35 -7.44
CA ALA B 205 22.35 19.38 -8.21
C ALA B 205 21.56 18.09 -8.41
N GLU B 206 20.69 17.74 -7.45
CA GLU B 206 19.93 16.49 -7.51
CA GLU B 206 19.94 16.49 -7.51
C GLU B 206 18.51 16.67 -8.04
N TRP B 207 17.99 17.90 -8.04
CA TRP B 207 16.59 18.13 -8.38
C TRP B 207 16.19 17.54 -9.73
N PRO B 208 16.94 17.74 -10.83
CA PRO B 208 16.53 17.08 -12.09
C PRO B 208 16.48 15.57 -12.00
N THR B 209 17.45 14.95 -11.33
CA THR B 209 17.43 13.49 -11.18
C THR B 209 16.21 13.06 -10.39
N SER B 210 15.86 13.82 -9.35
CA SER B 210 14.65 13.50 -8.58
C SER B 210 13.39 13.60 -9.42
N ILE B 211 13.31 14.63 -10.27
CA ILE B 211 12.16 14.74 -11.18
C ILE B 211 12.09 13.54 -12.12
N GLU B 212 13.24 13.10 -12.63
CA GLU B 212 13.22 11.95 -13.53
CA GLU B 212 13.28 11.93 -13.51
C GLU B 212 12.72 10.69 -12.81
N ARG B 213 13.03 10.54 -11.51
CA ARG B 213 12.47 9.42 -10.76
C ARG B 213 10.95 9.49 -10.71
N ILE B 214 10.39 10.70 -10.56
CA ILE B 214 8.94 10.85 -10.58
C ILE B 214 8.38 10.41 -11.93
N GLN B 215 8.99 10.91 -13.01
CA GLN B 215 8.53 10.51 -14.35
C GLN B 215 8.60 8.99 -14.52
N GLN B 216 9.70 8.38 -14.09
CA GLN B 216 9.85 6.93 -14.24
C GLN B 216 8.83 6.16 -13.43
N HIS B 217 8.44 6.69 -12.26
CA HIS B 217 7.54 5.95 -11.39
C HIS B 217 6.07 6.17 -11.72
N TYR B 218 5.71 7.35 -12.24
CA TYR B 218 4.31 7.69 -12.50
C TYR B 218 4.09 8.15 -13.94
N PRO B 219 4.57 7.38 -14.94
CA PRO B 219 4.42 7.81 -16.33
C PRO B 219 2.99 7.83 -16.80
N GLU B 220 2.08 7.17 -16.08
CA GLU B 220 0.66 7.14 -16.40
C GLU B 220 -0.13 8.33 -15.84
N ALA B 221 0.52 9.25 -15.14
CA ALA B 221 -0.23 10.33 -14.50
C ALA B 221 -0.90 11.21 -15.54
N GLN B 222 -2.16 11.56 -15.28
CA GLN B 222 -2.95 12.41 -16.17
C GLN B 222 -3.11 13.84 -15.67
N PHE B 223 -3.10 14.05 -14.37
CA PHE B 223 -3.22 15.37 -13.78
CA PHE B 223 -3.24 15.36 -13.75
C PHE B 223 -2.04 15.56 -12.85
N VAL B 224 -1.34 16.67 -13.00
CA VAL B 224 -0.17 16.96 -12.17
C VAL B 224 -0.41 18.28 -11.46
N ILE B 225 -0.34 18.27 -10.13
CA ILE B 225 -0.63 19.43 -9.30
CA ILE B 225 -0.62 19.45 -9.32
C ILE B 225 0.68 19.96 -8.73
N PRO B 226 1.07 21.19 -9.02
CA PRO B 226 2.26 21.77 -8.41
C PRO B 226 1.92 22.30 -7.03
N GLY B 227 2.97 22.64 -6.27
CA GLY B 227 2.74 23.18 -4.93
C GLY B 227 2.04 24.53 -4.97
N HIS B 228 2.21 25.26 -6.06
CA HIS B 228 1.67 26.61 -6.23
C HIS B 228 1.21 26.75 -7.67
N GLY B 229 -0.03 27.17 -7.87
CA GLY B 229 -0.46 27.53 -9.20
C GLY B 229 -1.23 26.45 -9.92
N LEU B 230 -1.26 26.58 -11.26
CA LEU B 230 -2.23 25.85 -12.10
C LEU B 230 -1.81 24.40 -12.33
N PRO B 231 -2.74 23.45 -12.20
CA PRO B 231 -2.44 22.08 -12.59
C PRO B 231 -2.16 21.95 -14.08
N GLY B 232 -1.54 20.84 -14.43
CA GLY B 232 -1.31 20.51 -15.82
C GLY B 232 -1.12 19.03 -15.95
N GLY B 233 -0.32 18.62 -16.94
CA GLY B 233 0.04 17.24 -17.13
C GLY B 233 1.47 16.97 -16.75
N LEU B 234 1.98 15.82 -17.20
CA LEU B 234 3.38 15.49 -16.95
C LEU B 234 4.35 16.50 -17.56
N ASP B 235 3.92 17.37 -18.48
CA ASP B 235 4.77 18.42 -19.01
CA ASP B 235 4.85 18.35 -18.99
C ASP B 235 5.35 19.31 -17.92
N LEU B 236 4.69 19.37 -16.76
CA LEU B 236 5.19 20.22 -15.67
C LEU B 236 6.54 19.73 -15.16
N LEU B 237 6.84 18.45 -15.34
CA LEU B 237 8.10 17.91 -14.84
C LEU B 237 9.29 18.44 -15.62
N LYS B 238 9.26 18.32 -16.95
CA LYS B 238 10.38 18.81 -17.72
C LYS B 238 10.44 20.33 -17.68
N HIS B 239 9.29 21.01 -17.55
CA HIS B 239 9.31 22.46 -17.34
C HIS B 239 10.06 22.81 -16.06
N THR B 240 9.79 22.10 -14.97
CA THR B 240 10.51 22.36 -13.72
C THR B 240 12.00 22.11 -13.88
N THR B 241 12.37 21.02 -14.56
CA THR B 241 13.79 20.76 -14.80
C THR B 241 14.42 21.92 -15.57
N ASN B 242 13.74 22.42 -16.59
CA ASN B 242 14.25 23.56 -17.37
CA ASN B 242 14.30 23.54 -17.35
C ASN B 242 14.53 24.76 -16.46
N VAL B 243 13.57 25.06 -15.59
CA VAL B 243 13.70 26.22 -14.72
C VAL B 243 14.84 26.02 -13.72
N VAL B 244 14.90 24.83 -13.12
CA VAL B 244 15.96 24.53 -12.16
C VAL B 244 17.33 24.60 -12.81
N LYS B 245 17.47 24.03 -14.01
CA LYS B 245 18.77 24.09 -14.69
C LYS B 245 19.16 25.52 -15.06
N ALA B 246 18.18 26.34 -15.48
CA ALA B 246 18.48 27.74 -15.76
C ALA B 246 18.99 28.44 -14.51
N HIS B 247 18.37 28.16 -13.37
CA HIS B 247 18.85 28.77 -12.13
C HIS B 247 20.23 28.26 -11.76
N THR B 248 20.47 26.96 -11.94
CA THR B 248 21.79 26.37 -11.71
C THR B 248 22.86 27.08 -12.54
N ASN B 249 22.51 27.48 -13.77
CA ASN B 249 23.45 28.08 -14.70
C ASN B 249 23.50 29.60 -14.61
N ARG B 250 22.92 30.18 -13.55
CA ARG B 250 22.89 31.63 -13.38
C ARG B 250 24.28 32.25 -13.39
C FMT C . 0.92 -16.63 -19.32
O1 FMT C . 1.48 -15.58 -19.13
O2 FMT C . 0.18 -16.91 -20.23
C FMT D . 0.65 -12.76 -17.28
O1 FMT D . 1.42 -13.54 -17.55
O2 FMT D . -0.44 -12.79 -17.86
C13 A1H8U E . -6.65 -6.07 6.61
C10 A1H8U E . -5.13 -6.09 6.30
C11 A1H8U E . -4.45 -5.34 7.37
C1 A1H8U E . -3.97 -8.17 5.54
C12 A1H8U E . -6.97 -5.36 7.79
C2 A1H8U E . -3.79 -9.99 7.29
C3 A1H8U E . -3.35 -9.95 8.76
C4 A1H8U E . -2.29 -10.74 9.20
C5 A1H8U E . -1.75 -10.50 10.47
C6 A1H8U E . -2.45 -9.73 11.39
C7 A1H8U E . -3.50 -8.94 10.94
C8 A1H8U E . -4.04 -9.16 9.68
C9 A1H8U E . -4.47 -6.78 5.10
N1 A1H8U E . -4.25 -8.67 6.89
O1 A1H8U E . -3.37 -8.86 4.78
O2 A1H8U E . -5.28 -8.62 9.33
O3 A1H8U E . -5.56 -11.45 5.70
O4 A1H8U E . -6.58 -10.75 7.90
O5 A1H8U E . -4.94 -12.75 7.36
P1 A1H8U E . -5.21 -11.15 7.09
S1 A1H8U E . -5.60 -4.84 8.38
ZN ZN F . -7.13 -11.93 4.82
ZN ZN G . -0.10 -14.57 -18.84
ZN ZN H . -3.52 -13.69 6.54
C13 A1H8U I . 11.01 28.65 3.28
C10 A1H8U I . 9.89 29.55 3.90
C11 A1H8U I . 10.44 30.93 3.96
C1 A1H8U I . 7.64 28.64 3.16
C12 A1H8U I . 12.19 29.37 2.96
C2 A1H8U I . 7.21 28.67 0.66
C3 A1H8U I . 7.06 29.83 -0.33
C4 A1H8U I . 5.85 30.02 -0.96
C5 A1H8U I . 5.62 31.20 -1.67
C6 A1H8U I . 6.66 32.13 -1.83
C7 A1H8U I . 7.85 31.94 -1.14
C8 A1H8U I . 8.11 30.72 -0.51
C9 A1H8U I . 8.49 29.10 4.36
N1 A1H8U I . 7.99 29.10 1.81
O1 A1H8U I . 6.71 27.91 3.31
O2 A1H8U I . 9.43 30.37 -0.16
O3 A1H8U I . 9.48 27.52 -0.52
O4 A1H8U I . 7.41 26.76 -1.60
O5 A1H8U I . 8.24 26.01 0.79
P1 A1H8U I . 8.07 27.28 -0.20
S1 A1H8U I . 11.94 30.87 3.36
C FMT J . 10.18 27.69 -18.93
O1 FMT J . 10.56 26.75 -19.54
O2 FMT J . 9.03 28.10 -18.95
C FMT K . 10.19 23.98 -20.47
O1 FMT K . 11.33 24.39 -20.67
O2 FMT K . 9.20 24.67 -20.27
ZN ZN L . 9.26 24.61 0.81
ZN ZN M . 8.76 25.82 -19.27
ZN ZN N . 5.67 25.79 -1.35
#